data_8SJM
#
_entry.id   8SJM
#
_cell.length_a   162.319
_cell.length_b   162.319
_cell.length_c   109.158
_cell.angle_alpha   90.000
_cell.angle_beta   90.000
_cell.angle_gamma   120.000
#
_symmetry.space_group_name_H-M   'H 3'
#
loop_
_entity.id
_entity.type
_entity.pdbx_description
1 polymer "DNA (5'-D(*CP*AP*GP*CP*AP*TP*CP*GP*CP*CP*TP*GP*AP*CP*A)-3')"
2 polymer "DNA (5'-D(P*CP*GP*TP*GP*GP*AP*CP*AP*TP*GP*CP*GP*AP*G)-3')"
3 polymer "DNA (5'-D(*TP*GP*CP*TP*CP*GP*CP*AP*TP*GP*TP*GP*GP*CP*GP*AP*TP*GP*C)-3')"
4 polymer "DNA (5'-D(P*TP*GP*TP*GP*TP*CP*AP*CP*CP*AP*CP*G)-3')"
#
loop_
_entity_poly.entity_id
_entity_poly.type
_entity_poly.pdbx_seq_one_letter_code
_entity_poly.pdbx_strand_id
1 'polydeoxyribonucleotide' (DC)(DA)(DG)(DC)(DA)(DT)(DC)(DG)(DC)(DC)(DT)(DG)(DA)(DC)(DA)(DC)(DA) A
2 'polydeoxyribonucleotide' (DC)(DG)(DT)(DG)(DG)(DA)(DC)(DA)(DT)(DG)(DC)(DG)(DA)(DG) B
3 'polydeoxyribonucleotide' (DT)(DG)(DC)(DT)(DC)(DG)(DC)(DA)(DT)(DG)(DT)(DG)(DG)(DC)(DG)(DA)(DT)(DG)(DC) C
4 'polydeoxyribonucleotide' (DT)(DG)(DT)(DG)(DT)(DC)(DA)(DC)(DC)(DA)(DC)(DG) D
#